data_7M82
#
_entry.id   7M82
#
_cell.length_a   98.678
_cell.length_b   98.678
_cell.length_c   82.163
_cell.angle_alpha   90.000
_cell.angle_beta   90.000
_cell.angle_gamma   120.000
#
_symmetry.space_group_name_H-M   'P 61'
#
loop_
_entity.id
_entity.type
_entity.pdbx_description
1 polymer 'DNA polymerase eta'
2 polymer "DNA (5'-D(*AP*TP*TP*TP*TP*GP*AP*CP*GP*CP*T)-3')"
3 polymer "DNA (5'-D(*AP*GP*CP*GP*TP*CP*AP*AP*A)-3')"
4 non-polymer 'MAGNESIUM ION'
5 non-polymer 'CALCIUM ION'
6 non-polymer GLYCEROL
7 non-polymer "2'-DEOXYADENOSINE 5'-TRIPHOSPHATE"
8 non-polymer DIPHOSPHATE
9 water water
#
loop_
_entity_poly.entity_id
_entity_poly.type
_entity_poly.pdbx_seq_one_letter_code
_entity_poly.pdbx_strand_id
1 'polypeptide(L)'
;GPHMATGQDRVVALVDMDCFFVQVEQRQNPHLRNKPCAVVQYKSWKGGGIIAVSYEARAFGVTRSMWADDAKKLCPDLLL
AQVRESRGKANLTKYREASVEVMEIMSRFAVIERASIDEAYVDLTSAVQERLQKLQGQPISADLLPSTYIEGLPQGPTTA
EETVQKEGMRKQGLFQWLDSLQIDNLTSPDLQLTVGAVIVEEMRAAIERETGFQCSAGISHNKVLAKLACGLNKPNRQTL
VSHGSVPQLFSQMPIRKIRSLGGKLGASVIEILGIEYMGELTQFTESQLQSHFGEKNGSWLYAMCRGIEHDPVKPRQLPK
TIGCSKNFPGKTALATREQVQWWLLQLAQELEERLTKDRNDNDRVATQLVVSIRVQGDKRLSSLRRCCALTRYDAHKMSH
DAFTVIKNCNTSGIQTEWSPPLTMLFLCATKFSAS
;
A
2 'polydeoxyribonucleotide' (DA)(DT)(DT)(DT)(DT)(DG)(DA)(DC)(DG)(DC)(DT) T
3 'polydeoxyribonucleotide' (DA)(DG)(DC)(DG)(DT)(DC)(DA)(DA)(DA) P
#
loop_
_chem_comp.id
_chem_comp.type
_chem_comp.name
_chem_comp.formula
CA non-polymer 'CALCIUM ION' 'Ca 2'
DA DNA linking 2'-DEOXYADENOSINE-5'-MONOPHOSPHATE 'C10 H14 N5 O6 P'
DC DNA linking 2'-DEOXYCYTIDINE-5'-MONOPHOSPHATE 'C9 H14 N3 O7 P'
DG DNA linking 2'-DEOXYGUANOSINE-5'-MONOPHOSPHATE 'C10 H14 N5 O7 P'
DPO non-polymer DIPHOSPHATE 'O7 P2 -4'
DT DNA linking THYMIDINE-5'-MONOPHOSPHATE 'C10 H15 N2 O8 P'
DTP non-polymer '2'-DEOXYADENOSINE 5'-TRIPHOSPHATE' 'C10 H16 N5 O12 P3'
GOL non-polymer GLYCEROL 'C3 H8 O3'
MG non-polymer 'MAGNESIUM ION' 'Mg 2'
#
# COMPACT_ATOMS: atom_id res chain seq x y z
N GLY A 1 -27.73 1.97 -23.11
CA GLY A 1 -27.28 2.71 -24.27
C GLY A 1 -26.81 4.13 -23.98
N PRO A 2 -27.59 5.12 -24.42
CA PRO A 2 -27.17 6.52 -24.28
C PRO A 2 -27.12 7.01 -22.83
N HIS A 3 -27.68 6.27 -21.88
CA HIS A 3 -27.75 6.67 -20.48
C HIS A 3 -26.92 5.78 -19.57
N MET A 4 -26.28 4.75 -20.12
CA MET A 4 -25.48 3.83 -19.32
C MET A 4 -24.12 4.44 -19.02
N ALA A 5 -23.88 4.70 -17.73
CA ALA A 5 -22.61 5.24 -17.30
C ALA A 5 -21.52 4.21 -17.58
N THR A 6 -20.31 4.70 -17.84
CA THR A 6 -19.20 3.84 -18.22
C THR A 6 -18.00 4.03 -17.32
N GLY A 7 -18.13 4.85 -16.26
CA GLY A 7 -17.05 5.03 -15.32
C GLY A 7 -15.80 5.54 -16.00
N GLN A 8 -15.94 6.53 -16.88
CA GLN A 8 -14.82 7.11 -17.61
C GLN A 8 -14.67 8.60 -17.32
N ASP A 9 -15.23 9.05 -16.20
CA ASP A 9 -15.30 10.46 -15.84
C ASP A 9 -14.00 11.00 -15.22
N ARG A 10 -13.14 10.14 -14.67
CA ARG A 10 -11.94 10.56 -13.96
C ARG A 10 -10.68 9.94 -14.58
N VAL A 11 -9.54 10.56 -14.31
CA VAL A 11 -8.25 9.92 -14.54
C VAL A 11 -7.58 9.78 -13.17
N VAL A 12 -7.27 8.55 -12.80
CA VAL A 12 -6.70 8.21 -11.51
C VAL A 12 -5.43 7.40 -11.71
N ALA A 13 -4.39 7.74 -10.97
CA ALA A 13 -3.19 6.94 -10.95
C ALA A 13 -2.94 6.38 -9.57
N LEU A 14 -2.25 5.26 -9.54
CA LEU A 14 -1.71 4.70 -8.32
C LEU A 14 -0.21 4.54 -8.53
N VAL A 15 0.57 5.19 -7.67
CA VAL A 15 2.02 5.11 -7.73
C VAL A 15 2.49 4.26 -6.56
N ASP A 16 3.33 3.26 -6.85
CA ASP A 16 3.81 2.30 -5.86
CA ASP A 16 3.81 2.33 -5.83
C ASP A 16 5.31 2.14 -5.98
N MET A 17 6.06 2.55 -4.95
CA MET A 17 7.51 2.45 -5.01
C MET A 17 7.90 0.97 -5.17
N ASP A 18 8.93 0.71 -5.97
CA ASP A 18 9.46 -0.64 -6.14
C ASP A 18 10.31 -1.03 -4.94
N CYS A 19 10.11 -2.25 -4.43
CA CYS A 19 10.82 -2.82 -3.28
C CYS A 19 11.29 -1.71 -2.34
N PHE A 20 10.33 -0.97 -1.77
CA PHE A 20 10.59 0.32 -1.15
C PHE A 20 11.70 0.29 -0.08
N PHE A 21 11.55 -0.56 0.93
CA PHE A 21 12.53 -0.51 2.03
C PHE A 21 13.92 -0.88 1.50
N VAL A 22 13.96 -1.77 0.51
CA VAL A 22 15.23 -2.15 -0.11
C VAL A 22 15.87 -0.93 -0.78
N GLN A 23 15.07 -0.16 -1.56
CA GLN A 23 15.62 1.03 -2.20
C GLN A 23 16.09 2.07 -1.18
N VAL A 24 15.38 2.22 -0.06
CA VAL A 24 15.86 3.15 0.97
C VAL A 24 17.25 2.73 1.45
N GLU A 25 17.43 1.43 1.71
CA GLU A 25 18.72 0.96 2.21
C GLU A 25 19.80 1.00 1.13
N GLN A 26 19.43 0.75 -0.14
CA GLN A 26 20.40 0.80 -1.22
C GLN A 26 20.84 2.23 -1.54
N ARG A 27 19.93 3.20 -1.40
CA ARG A 27 20.35 4.59 -1.53
C ARG A 27 21.41 4.89 -0.47
N GLN A 28 21.15 4.44 0.76
CA GLN A 28 22.06 4.73 1.87
C GLN A 28 23.40 4.01 1.73
N ASN A 29 23.38 2.77 1.26
CA ASN A 29 24.55 1.91 1.20
C ASN A 29 24.76 1.45 -0.24
N PRO A 30 25.58 2.16 -1.01
CA PRO A 30 25.76 1.82 -2.44
C PRO A 30 26.22 0.40 -2.69
N HIS A 31 26.84 -0.24 -1.70
CA HIS A 31 27.26 -1.63 -1.83
C HIS A 31 26.10 -2.57 -2.10
N LEU A 32 24.87 -2.17 -1.75
CA LEU A 32 23.71 -3.03 -1.91
C LEU A 32 23.03 -2.84 -3.25
N ARG A 33 23.42 -1.81 -4.00
CA ARG A 33 22.74 -1.49 -5.24
C ARG A 33 23.01 -2.57 -6.28
N ASN A 34 21.97 -2.93 -7.03
CA ASN A 34 22.07 -3.90 -8.13
C ASN A 34 22.52 -5.27 -7.62
N LYS A 35 22.09 -5.63 -6.43
CA LYS A 35 22.45 -6.89 -5.81
C LYS A 35 21.19 -7.61 -5.35
N PRO A 36 21.25 -8.93 -5.23
CA PRO A 36 20.20 -9.64 -4.51
C PRO A 36 20.29 -9.23 -3.03
N CYS A 37 19.27 -8.50 -2.56
N CYS A 37 19.32 -8.48 -2.55
CA CYS A 37 19.31 -7.87 -1.25
CA CYS A 37 19.36 -8.07 -1.16
C CYS A 37 17.92 -7.93 -0.63
C CYS A 37 17.95 -8.02 -0.62
N ALA A 38 17.86 -7.93 0.70
CA ALA A 38 16.59 -7.92 1.39
C ALA A 38 16.73 -7.10 2.67
N VAL A 39 15.59 -6.61 3.13
CA VAL A 39 15.48 -5.94 4.41
C VAL A 39 14.78 -6.86 5.39
N VAL A 40 15.35 -6.96 6.60
CA VAL A 40 15.02 -7.93 7.63
C VAL A 40 14.79 -7.22 8.95
N GLN A 41 13.87 -7.75 9.75
CA GLN A 41 13.68 -7.27 11.11
C GLN A 41 14.15 -8.34 12.08
N TYR A 42 14.91 -7.92 13.10
CA TYR A 42 15.53 -8.80 14.09
C TYR A 42 16.59 -9.67 13.42
N LYS A 43 17.19 -10.61 14.15
N LYS A 43 17.20 -10.60 14.14
CA LYS A 43 18.28 -11.40 13.59
CA LYS A 43 18.29 -11.39 13.59
C LYS A 43 18.46 -12.72 14.33
C LYS A 43 18.49 -12.71 14.34
N SER A 44 18.11 -12.73 15.62
CA SER A 44 18.38 -13.90 16.47
C SER A 44 17.58 -15.11 16.03
N TRP A 45 16.28 -14.94 15.76
CA TRP A 45 15.42 -16.07 15.40
C TRP A 45 15.50 -16.28 13.89
N LYS A 46 16.25 -17.31 13.48
CA LYS A 46 16.35 -17.78 12.10
C LYS A 46 16.89 -16.70 11.16
N GLY A 47 17.70 -15.79 11.69
CA GLY A 47 18.35 -14.79 10.87
C GLY A 47 17.52 -13.55 10.65
N GLY A 48 16.31 -13.51 11.21
CA GLY A 48 15.42 -12.39 11.06
C GLY A 48 14.37 -12.65 9.99
N GLY A 49 13.26 -11.92 10.08
CA GLY A 49 12.16 -12.09 9.15
C GLY A 49 12.28 -11.05 8.04
N ILE A 50 12.18 -11.54 6.81
CA ILE A 50 12.33 -10.66 5.65
C ILE A 50 11.04 -9.90 5.42
N ILE A 51 11.17 -8.58 5.24
CA ILE A 51 10.02 -7.73 4.96
C ILE A 51 10.12 -7.05 3.61
N ALA A 52 11.28 -7.07 2.95
CA ALA A 52 11.34 -6.49 1.61
C ALA A 52 12.47 -7.14 0.82
N VAL A 53 12.28 -7.26 -0.51
CA VAL A 53 13.18 -8.09 -1.34
C VAL A 53 13.45 -7.42 -2.69
N SER A 54 14.72 -7.29 -3.05
CA SER A 54 15.07 -6.70 -4.33
C SER A 54 14.68 -7.66 -5.45
N TYR A 55 14.50 -7.12 -6.66
CA TYR A 55 14.07 -7.97 -7.77
C TYR A 55 15.15 -8.99 -8.13
N GLU A 56 16.43 -8.64 -7.96
CA GLU A 56 17.50 -9.61 -8.17
C GLU A 56 17.35 -10.78 -7.21
N ALA A 57 17.02 -10.51 -5.95
CA ALA A 57 16.82 -11.60 -5.00
C ALA A 57 15.53 -12.37 -5.30
N ARG A 58 14.50 -11.67 -5.78
CA ARG A 58 13.25 -12.35 -6.12
C ARG A 58 13.47 -13.38 -7.22
N ALA A 59 14.45 -13.14 -8.09
CA ALA A 59 14.74 -14.09 -9.14
C ALA A 59 15.20 -15.44 -8.57
N PHE A 60 15.70 -15.46 -7.33
CA PHE A 60 16.11 -16.70 -6.68
C PHE A 60 14.98 -17.33 -5.89
N GLY A 61 13.83 -16.67 -5.81
CA GLY A 61 12.70 -17.19 -5.06
C GLY A 61 12.57 -16.62 -3.68
N VAL A 62 13.36 -15.58 -3.34
CA VAL A 62 13.24 -14.96 -2.02
C VAL A 62 11.94 -14.18 -1.97
N THR A 63 11.20 -14.33 -0.87
CA THR A 63 9.96 -13.60 -0.70
C THR A 63 9.87 -12.97 0.68
N ARG A 64 8.97 -12.01 0.75
CA ARG A 64 8.50 -11.48 2.01
CA ARG A 64 8.50 -11.48 2.01
C ARG A 64 7.98 -12.62 2.88
N SER A 65 8.10 -12.46 4.21
CA SER A 65 7.66 -13.41 5.22
C SER A 65 8.68 -14.54 5.42
N MET A 66 9.63 -14.70 4.52
CA MET A 66 10.66 -15.71 4.68
C MET A 66 11.66 -15.35 5.79
N TRP A 67 12.10 -16.38 6.52
CA TRP A 67 13.25 -16.21 7.42
C TRP A 67 14.52 -16.04 6.60
N ALA A 68 15.40 -15.15 7.05
CA ALA A 68 16.65 -14.90 6.34
C ALA A 68 17.48 -16.17 6.16
N ASP A 69 17.50 -17.07 7.15
CA ASP A 69 18.26 -18.31 7.01
C ASP A 69 17.74 -19.16 5.86
N ASP A 70 16.41 -19.18 5.65
CA ASP A 70 15.85 -19.98 4.58
C ASP A 70 16.09 -19.30 3.23
N ALA A 71 15.93 -17.97 3.21
CA ALA A 71 16.26 -17.22 2.02
C ALA A 71 17.72 -17.46 1.63
N LYS A 72 18.62 -17.54 2.61
CA LYS A 72 20.02 -17.83 2.29
C LYS A 72 20.15 -19.22 1.70
N LYS A 73 19.20 -20.12 2.01
CA LYS A 73 19.28 -21.43 1.38
C LYS A 73 18.95 -21.30 -0.10
N LEU A 74 18.05 -20.38 -0.43
CA LEU A 74 17.72 -20.19 -1.84
C LEU A 74 18.73 -19.28 -2.53
N CYS A 75 19.33 -18.35 -1.81
CA CYS A 75 20.18 -17.32 -2.40
C CYS A 75 21.38 -17.09 -1.48
N PRO A 76 22.43 -17.92 -1.62
CA PRO A 76 23.56 -17.85 -0.68
C PRO A 76 24.26 -16.50 -0.63
N ASP A 77 24.23 -15.74 -1.72
CA ASP A 77 24.90 -14.45 -1.75
C ASP A 77 23.97 -13.30 -1.40
N LEU A 78 22.78 -13.60 -0.88
CA LEU A 78 21.84 -12.56 -0.48
C LEU A 78 22.48 -11.60 0.51
N LEU A 79 22.37 -10.31 0.24
CA LEU A 79 22.82 -9.29 1.16
C LEU A 79 21.62 -8.82 1.99
N LEU A 80 21.88 -8.39 3.21
CA LEU A 80 20.82 -8.06 4.13
C LEU A 80 21.04 -6.69 4.74
N ALA A 81 19.96 -5.95 4.91
CA ALA A 81 19.98 -4.74 5.70
C ALA A 81 18.97 -4.92 6.82
N GLN A 82 19.36 -4.52 8.01
CA GLN A 82 18.53 -4.69 9.19
C GLN A 82 17.79 -3.41 9.50
N VAL A 83 16.51 -3.57 9.84
CA VAL A 83 15.72 -2.48 10.38
C VAL A 83 16.34 -1.99 11.68
N ARG A 84 16.34 -0.68 11.85
CA ARG A 84 16.84 -0.10 13.09
C ARG A 84 16.04 -0.66 14.27
N GLU A 85 16.73 -0.87 15.38
CA GLU A 85 16.11 -1.21 16.64
C GLU A 85 16.36 -0.09 17.65
N SER A 86 15.28 0.39 18.25
CA SER A 86 15.34 1.38 19.31
C SER A 86 14.39 0.95 20.42
N ARG A 87 14.82 1.17 21.66
CA ARG A 87 14.03 0.84 22.84
C ARG A 87 13.55 -0.61 22.80
N GLY A 88 14.40 -1.48 22.28
CA GLY A 88 14.13 -2.91 22.26
C GLY A 88 13.24 -3.40 21.14
N LYS A 89 12.86 -2.56 20.18
CA LYS A 89 11.94 -2.95 19.12
C LYS A 89 12.38 -2.38 17.77
N ALA A 90 11.85 -2.97 16.71
CA ALA A 90 12.10 -2.48 15.36
C ALA A 90 11.52 -1.06 15.25
N ASN A 91 12.25 -0.18 14.59
CA ASN A 91 11.85 1.22 14.44
C ASN A 91 11.84 1.61 12.96
N LEU A 92 10.68 1.99 12.44
CA LEU A 92 10.50 2.20 11.01
C LEU A 92 10.67 3.66 10.60
N THR A 93 11.24 4.50 11.47
CA THR A 93 11.37 5.94 11.18
C THR A 93 12.01 6.24 9.83
N LYS A 94 13.10 5.54 9.49
CA LYS A 94 13.80 5.84 8.24
C LYS A 94 12.87 5.70 7.03
N TYR A 95 12.01 4.69 7.06
CA TYR A 95 11.13 4.45 5.92
C TYR A 95 9.97 5.43 5.90
N ARG A 96 9.48 5.82 7.08
CA ARG A 96 8.44 6.86 7.13
C ARG A 96 8.96 8.18 6.56
N GLU A 97 10.21 8.53 6.88
CA GLU A 97 10.77 9.78 6.38
C GLU A 97 10.99 9.71 4.87
N ALA A 98 11.46 8.57 4.36
CA ALA A 98 11.61 8.44 2.91
C ALA A 98 10.25 8.53 2.22
N SER A 99 9.22 7.97 2.87
CA SER A 99 7.87 8.07 2.33
C SER A 99 7.45 9.52 2.23
N VAL A 100 7.72 10.31 3.28
CA VAL A 100 7.40 11.73 3.21
C VAL A 100 8.09 12.39 2.03
N GLU A 101 9.37 12.02 1.77
CA GLU A 101 10.04 12.60 0.59
C GLU A 101 9.21 12.39 -0.68
N VAL A 102 8.74 11.15 -0.86
CA VAL A 102 8.06 10.84 -2.12
C VAL A 102 6.67 11.48 -2.17
N MET A 103 5.93 11.43 -1.06
CA MET A 103 4.59 12.00 -1.03
C MET A 103 4.63 13.50 -1.30
N GLU A 104 5.63 14.20 -0.76
CA GLU A 104 5.71 15.64 -0.99
C GLU A 104 6.03 15.95 -2.45
N ILE A 105 6.86 15.12 -3.10
CA ILE A 105 7.08 15.36 -4.53
C ILE A 105 5.79 15.12 -5.31
N MET A 106 5.09 14.02 -5.02
CA MET A 106 3.87 13.74 -5.77
C MET A 106 2.80 14.82 -5.58
N SER A 107 2.74 15.42 -4.39
CA SER A 107 1.72 16.42 -4.10
CA SER A 107 1.71 16.42 -4.12
C SER A 107 1.91 17.70 -4.90
N ARG A 108 3.10 17.92 -5.49
CA ARG A 108 3.28 19.08 -6.37
C ARG A 108 2.46 18.95 -7.63
N PHE A 109 2.17 17.72 -8.04
CA PHE A 109 1.46 17.50 -9.30
C PHE A 109 -0.04 17.51 -9.11
N ALA A 110 -0.53 17.02 -7.99
CA ALA A 110 -1.96 16.84 -7.81
C ALA A 110 -2.25 16.43 -6.38
N VAL A 111 -3.54 16.47 -6.04
CA VAL A 111 -4.03 15.93 -4.78
C VAL A 111 -3.74 14.45 -4.71
N ILE A 112 -3.16 14.01 -3.59
CA ILE A 112 -2.89 12.58 -3.41
C ILE A 112 -3.60 12.06 -2.17
N GLU A 113 -3.87 10.77 -2.21
CA GLU A 113 -4.35 9.99 -1.08
C GLU A 113 -3.26 9.01 -0.71
N ARG A 114 -2.72 9.17 0.49
CA ARG A 114 -1.69 8.25 0.97
C ARG A 114 -2.37 6.93 1.26
N ALA A 115 -2.04 5.90 0.49
CA ALA A 115 -2.70 4.61 0.64
C ALA A 115 -1.90 3.64 1.47
N SER A 116 -0.59 3.87 1.55
CA SER A 116 0.26 3.11 2.45
C SER A 116 1.58 3.85 2.53
N ILE A 117 2.53 3.25 3.27
CA ILE A 117 3.84 3.90 3.42
C ILE A 117 4.50 4.17 2.09
N ASP A 118 4.20 3.39 1.05
CA ASP A 118 4.90 3.58 -0.21
C ASP A 118 3.95 3.67 -1.39
N GLU A 119 2.67 3.98 -1.15
CA GLU A 119 1.85 4.13 -2.33
C GLU A 119 0.80 5.20 -2.12
N ALA A 120 0.47 5.86 -3.24
CA ALA A 120 -0.53 6.94 -3.22
C ALA A 120 -1.35 6.97 -4.50
N TYR A 121 -2.65 7.27 -4.33
CA TYR A 121 -3.52 7.54 -5.47
C TYR A 121 -3.44 9.03 -5.83
N VAL A 122 -3.63 9.30 -7.11
CA VAL A 122 -3.52 10.63 -7.68
C VAL A 122 -4.76 10.86 -8.51
N ASP A 123 -5.48 11.94 -8.24
CA ASP A 123 -6.62 12.31 -9.09
C ASP A 123 -6.09 13.29 -10.13
N LEU A 124 -5.91 12.84 -11.36
CA LEU A 124 -5.28 13.65 -12.40
C LEU A 124 -6.28 14.34 -13.33
N THR A 125 -7.57 14.22 -13.07
CA THR A 125 -8.60 14.75 -13.97
C THR A 125 -8.36 16.22 -14.34
N SER A 126 -8.19 17.07 -13.32
CA SER A 126 -7.97 18.49 -13.59
C SER A 126 -6.64 18.72 -14.31
N ALA A 127 -5.56 18.13 -13.81
CA ALA A 127 -4.27 18.28 -14.47
C ALA A 127 -4.35 17.86 -15.94
N VAL A 128 -5.12 16.80 -16.22
CA VAL A 128 -5.30 16.37 -17.60
C VAL A 128 -6.01 17.44 -18.42
N GLN A 129 -7.09 18.03 -17.89
CA GLN A 129 -7.75 19.08 -18.66
C GLN A 129 -6.81 20.24 -18.98
N GLU A 130 -6.06 20.74 -17.99
CA GLU A 130 -5.09 21.81 -18.33
C GLU A 130 -4.06 21.36 -19.36
N ARG A 131 -3.49 20.15 -19.21
CA ARG A 131 -2.47 19.74 -20.16
C ARG A 131 -3.05 19.61 -21.56
N LEU A 132 -4.30 19.13 -21.67
CA LEU A 132 -4.97 19.09 -22.96
C LEU A 132 -5.19 20.49 -23.52
N GLN A 133 -5.37 21.48 -22.64
CA GLN A 133 -5.55 22.85 -23.14
C GLN A 133 -4.24 23.41 -23.67
N LYS A 134 -3.13 23.10 -22.99
CA LYS A 134 -1.82 23.51 -23.48
C LYS A 134 -1.48 22.86 -24.80
N LEU A 135 -1.77 21.55 -24.93
CA LEU A 135 -1.35 20.80 -26.09
C LEU A 135 -1.91 21.38 -27.38
N GLN A 136 -3.15 21.88 -27.32
CA GLN A 136 -3.86 22.46 -28.46
C GLN A 136 -3.90 21.50 -29.65
N GLY A 137 -4.66 20.42 -29.47
CA GLY A 137 -4.85 19.45 -30.53
C GLY A 137 -3.59 18.78 -31.04
N GLN A 138 -2.47 19.00 -30.37
CA GLN A 138 -1.21 18.43 -30.83
C GLN A 138 -1.10 16.95 -30.48
N PRO A 139 -0.69 16.11 -31.42
CA PRO A 139 -0.62 14.66 -31.18
C PRO A 139 0.38 14.36 -30.07
N ILE A 140 0.18 13.22 -29.42
CA ILE A 140 1.06 12.79 -28.34
C ILE A 140 2.10 11.83 -28.91
N SER A 141 3.36 12.17 -28.70
CA SER A 141 4.49 11.40 -29.18
C SER A 141 4.81 10.23 -28.26
N ALA A 142 5.18 9.10 -28.87
CA ALA A 142 5.64 7.96 -28.07
C ALA A 142 6.80 8.35 -27.17
N ASP A 143 7.54 9.40 -27.54
CA ASP A 143 8.68 9.87 -26.77
C ASP A 143 8.26 10.38 -25.41
N LEU A 144 7.01 10.79 -25.28
CA LEU A 144 6.48 11.25 -24.00
C LEU A 144 6.10 10.09 -23.09
N LEU A 145 6.14 8.85 -23.61
CA LEU A 145 5.69 7.68 -22.85
C LEU A 145 6.76 6.58 -22.87
N PRO A 146 7.99 6.90 -22.44
CA PRO A 146 9.11 5.95 -22.61
C PRO A 146 9.03 4.72 -21.73
N SER A 147 8.16 4.69 -20.71
CA SER A 147 8.08 3.53 -19.83
C SER A 147 6.63 3.06 -19.63
N THR A 148 5.75 3.42 -20.57
CA THR A 148 4.32 3.10 -20.46
C THR A 148 3.96 1.86 -21.26
N TYR A 149 3.19 0.96 -20.63
CA TYR A 149 2.57 -0.16 -21.31
C TYR A 149 1.08 0.13 -21.49
N ILE A 150 0.54 -0.28 -22.64
CA ILE A 150 -0.90 -0.20 -22.87
C ILE A 150 -1.44 -1.62 -22.75
N GLU A 151 -2.19 -1.88 -21.67
CA GLU A 151 -2.67 -3.22 -21.40
C GLU A 151 -3.58 -3.70 -22.54
N GLY A 152 -3.31 -4.89 -23.05
CA GLY A 152 -4.13 -5.45 -24.11
C GLY A 152 -3.52 -5.32 -25.48
N LEU A 153 -2.49 -4.48 -25.63
CA LEU A 153 -1.80 -4.25 -26.90
C LEU A 153 -0.35 -4.70 -26.78
N PRO A 154 0.30 -5.08 -27.89
CA PRO A 154 -0.24 -5.09 -29.26
C PRO A 154 -1.20 -6.24 -29.49
N GLN A 155 -2.00 -6.12 -30.53
CA GLN A 155 -2.98 -7.14 -30.85
C GLN A 155 -3.12 -7.26 -32.36
N GLY A 156 -3.61 -8.42 -32.79
CA GLY A 156 -4.04 -8.63 -34.15
C GLY A 156 -2.90 -8.93 -35.11
N PRO A 157 -3.19 -8.87 -36.42
CA PRO A 157 -2.25 -9.16 -37.52
C PRO A 157 -1.24 -8.06 -37.79
N THR A 163 8.85 -8.91 -33.61
CA THR A 163 9.72 -8.67 -32.46
C THR A 163 9.41 -9.71 -31.39
N VAL A 164 10.47 -10.12 -30.68
CA VAL A 164 10.37 -11.15 -29.65
C VAL A 164 10.97 -10.63 -28.35
N GLN A 165 11.24 -9.32 -28.29
CA GLN A 165 11.84 -8.71 -27.12
C GLN A 165 10.78 -7.91 -26.36
N LYS A 166 10.99 -7.78 -25.05
CA LYS A 166 9.98 -7.13 -24.21
C LYS A 166 9.77 -5.68 -24.61
N GLU A 167 10.85 -4.89 -24.70
CA GLU A 167 10.71 -3.49 -25.05
C GLU A 167 10.09 -3.33 -26.45
N GLY A 168 10.39 -4.28 -27.35
CA GLY A 168 9.77 -4.25 -28.67
C GLY A 168 8.27 -4.37 -28.58
N MET A 169 7.79 -5.31 -27.76
CA MET A 169 6.35 -5.49 -27.60
C MET A 169 5.74 -4.24 -26.99
N ARG A 170 6.43 -3.65 -26.00
CA ARG A 170 5.89 -2.46 -25.34
C ARG A 170 5.67 -1.38 -26.37
N LYS A 171 6.69 -1.14 -27.22
CA LYS A 171 6.56 -0.10 -28.24
C LYS A 171 5.50 -0.42 -29.28
N GLN A 172 5.45 -1.67 -29.75
N GLN A 172 5.42 -1.68 -29.73
CA GLN A 172 4.40 -2.08 -30.69
CA GLN A 172 4.39 -2.04 -30.70
C GLN A 172 3.01 -1.72 -30.15
C GLN A 172 2.99 -1.73 -30.15
N GLY A 173 2.73 -2.13 -28.90
CA GLY A 173 1.44 -1.82 -28.31
C GLY A 173 1.21 -0.32 -28.18
N LEU A 174 2.23 0.42 -27.74
CA LEU A 174 2.10 1.86 -27.59
C LEU A 174 1.84 2.52 -28.95
N PHE A 175 2.53 2.05 -29.99
CA PHE A 175 2.31 2.58 -31.33
C PHE A 175 0.89 2.33 -31.80
N GLN A 176 0.39 1.09 -31.61
CA GLN A 176 -1.00 0.81 -31.98
C GLN A 176 -1.96 1.76 -31.27
N TRP A 177 -1.72 1.97 -29.96
CA TRP A 177 -2.60 2.83 -29.17
C TRP A 177 -2.57 4.26 -29.69
N LEU A 178 -1.37 4.83 -29.87
CA LEU A 178 -1.28 6.22 -30.30
C LEU A 178 -1.78 6.39 -31.72
N ASP A 179 -1.54 5.40 -32.58
CA ASP A 179 -2.06 5.46 -33.94
C ASP A 179 -3.58 5.57 -33.93
N SER A 180 -4.23 4.86 -32.99
CA SER A 180 -5.70 4.86 -32.92
C SER A 180 -6.30 6.11 -32.28
N LEU A 181 -5.52 6.92 -31.55
CA LEU A 181 -6.11 7.95 -30.70
C LEU A 181 -6.72 9.09 -31.49
N GLN A 182 -7.89 9.59 -31.05
CA GLN A 182 -8.45 10.82 -31.59
C GLN A 182 -8.06 11.98 -30.66
N ILE A 183 -7.09 12.78 -31.11
CA ILE A 183 -6.53 13.87 -30.32
C ILE A 183 -7.32 15.17 -30.42
N ASP A 184 -8.26 15.26 -31.36
CA ASP A 184 -9.05 16.47 -31.54
C ASP A 184 -10.26 16.53 -30.63
N ASN A 185 -10.64 15.41 -30.01
CA ASN A 185 -11.74 15.35 -29.06
C ASN A 185 -11.16 15.45 -27.65
N LEU A 186 -11.23 16.65 -27.07
CA LEU A 186 -10.76 16.88 -25.71
C LEU A 186 -11.54 16.08 -24.67
N THR A 187 -12.70 15.52 -25.03
CA THR A 187 -13.53 14.75 -24.10
C THR A 187 -13.34 13.25 -24.25
N SER A 188 -12.45 12.80 -25.13
CA SER A 188 -12.23 11.37 -25.30
C SER A 188 -11.60 10.76 -24.05
N PRO A 189 -12.24 9.78 -23.42
CA PRO A 189 -11.64 9.15 -22.24
C PRO A 189 -10.27 8.54 -22.49
N ASP A 190 -10.08 7.90 -23.66
CA ASP A 190 -8.80 7.27 -23.96
C ASP A 190 -7.70 8.31 -24.07
N LEU A 191 -8.02 9.46 -24.67
CA LEU A 191 -7.06 10.56 -24.77
C LEU A 191 -6.72 11.10 -23.39
N GLN A 192 -7.74 11.27 -22.53
CA GLN A 192 -7.51 11.76 -21.18
C GLN A 192 -6.57 10.83 -20.42
N LEU A 193 -6.80 9.51 -20.53
CA LEU A 193 -5.91 8.54 -19.89
C LEU A 193 -4.49 8.67 -20.43
N THR A 194 -4.36 8.89 -21.75
CA THR A 194 -3.04 8.97 -22.36
C THR A 194 -2.26 10.18 -21.84
N VAL A 195 -2.94 11.32 -21.74
CA VAL A 195 -2.35 12.52 -21.14
C VAL A 195 -2.03 12.28 -19.66
N GLY A 196 -2.92 11.59 -18.94
CA GLY A 196 -2.62 11.20 -17.57
C GLY A 196 -1.30 10.46 -17.49
N ALA A 197 -1.11 9.51 -18.39
CA ALA A 197 0.10 8.71 -18.40
C ALA A 197 1.33 9.58 -18.67
N VAL A 198 1.18 10.59 -19.54
CA VAL A 198 2.27 11.54 -19.76
C VAL A 198 2.64 12.25 -18.46
N ILE A 199 1.63 12.71 -17.73
CA ILE A 199 1.89 13.38 -16.46
C ILE A 199 2.56 12.43 -15.47
N VAL A 200 2.09 11.18 -15.39
CA VAL A 200 2.70 10.20 -14.49
C VAL A 200 4.13 9.89 -14.89
N GLU A 201 4.43 9.86 -16.19
CA GLU A 201 5.84 9.73 -16.58
C GLU A 201 6.65 10.87 -15.97
N GLU A 202 6.09 12.09 -16.02
CA GLU A 202 6.80 13.25 -15.47
C GLU A 202 6.95 13.12 -13.95
N MET A 203 5.86 12.73 -13.27
CA MET A 203 5.89 12.54 -11.83
C MET A 203 6.96 11.54 -11.44
N ARG A 204 7.02 10.41 -12.16
CA ARG A 204 7.95 9.34 -11.80
C ARG A 204 9.39 9.78 -12.05
N ALA A 205 9.64 10.51 -13.14
CA ALA A 205 10.98 11.05 -13.36
C ALA A 205 11.36 12.02 -12.25
N ALA A 206 10.43 12.87 -11.83
CA ALA A 206 10.70 13.78 -10.72
C ALA A 206 11.02 13.02 -9.44
N ILE A 207 10.25 11.99 -9.12
CA ILE A 207 10.55 11.19 -7.93
C ILE A 207 11.95 10.60 -8.02
N GLU A 208 12.28 10.00 -9.16
CA GLU A 208 13.59 9.35 -9.24
C GLU A 208 14.72 10.38 -9.19
N ARG A 209 14.56 11.50 -9.91
CA ARG A 209 15.58 12.54 -9.90
C ARG A 209 15.83 13.08 -8.51
N GLU A 210 14.75 13.33 -7.75
CA GLU A 210 14.86 14.07 -6.51
C GLU A 210 15.05 13.16 -5.30
N THR A 211 14.86 11.85 -5.44
CA THR A 211 15.08 10.93 -4.33
C THR A 211 16.01 9.78 -4.67
N GLY A 212 16.16 9.43 -5.93
CA GLY A 212 16.87 8.22 -6.32
C GLY A 212 15.98 6.99 -6.39
N PHE A 213 14.73 7.10 -5.97
CA PHE A 213 13.85 5.93 -5.88
C PHE A 213 13.07 5.74 -7.16
N GLN A 214 12.98 4.50 -7.62
CA GLN A 214 12.14 4.11 -8.73
C GLN A 214 10.79 3.57 -8.26
N CYS A 215 9.79 3.67 -9.15
CA CYS A 215 8.45 3.23 -8.81
C CYS A 215 7.73 2.77 -10.06
N SER A 216 6.62 2.10 -9.84
CA SER A 216 5.71 1.71 -10.90
C SER A 216 4.41 2.48 -10.73
N ALA A 217 3.59 2.51 -11.78
CA ALA A 217 2.31 3.18 -11.64
C ALA A 217 1.27 2.56 -12.55
N GLY A 218 0.02 2.71 -12.13
CA GLY A 218 -1.13 2.34 -12.94
C GLY A 218 -1.89 3.62 -13.24
N ILE A 219 -2.41 3.71 -14.47
CA ILE A 219 -3.27 4.82 -14.86
C ILE A 219 -4.57 4.26 -15.41
N SER A 220 -5.69 4.67 -14.81
CA SER A 220 -6.97 4.21 -15.30
C SER A 220 -8.03 5.22 -14.90
N HIS A 221 -9.30 4.78 -14.87
CA HIS A 221 -10.40 5.68 -14.57
C HIS A 221 -10.86 5.63 -13.12
N ASN A 222 -10.29 4.75 -12.31
CA ASN A 222 -10.68 4.64 -10.90
C ASN A 222 -9.54 3.98 -10.14
N LYS A 223 -9.65 3.97 -8.82
CA LYS A 223 -8.58 3.49 -7.96
C LYS A 223 -8.32 2.00 -8.14
N VAL A 224 -9.37 1.17 -8.21
CA VAL A 224 -9.19 -0.28 -8.29
C VAL A 224 -8.46 -0.65 -9.58
N LEU A 225 -8.88 -0.08 -10.72
CA LEU A 225 -8.20 -0.40 -11.96
C LEU A 225 -6.79 0.18 -11.98
N ALA A 226 -6.57 1.35 -11.37
CA ALA A 226 -5.22 1.90 -11.31
C ALA A 226 -4.27 1.01 -10.50
N LYS A 227 -4.75 0.50 -9.36
CA LYS A 227 -3.95 -0.42 -8.54
C LYS A 227 -3.62 -1.70 -9.31
N LEU A 228 -4.66 -2.30 -9.92
CA LEU A 228 -4.44 -3.50 -10.72
C LEU A 228 -3.45 -3.23 -11.85
N ALA A 229 -3.64 -2.12 -12.57
CA ALA A 229 -2.73 -1.76 -13.67
C ALA A 229 -1.30 -1.62 -13.16
N CYS A 230 -1.14 -0.99 -12.00
CA CYS A 230 0.19 -0.76 -11.46
C CYS A 230 0.94 -2.07 -11.34
N GLY A 231 0.24 -3.11 -10.88
CA GLY A 231 0.97 -4.35 -10.70
C GLY A 231 1.32 -5.14 -11.97
N LEU A 232 0.76 -4.76 -13.14
CA LEU A 232 0.91 -5.57 -14.34
C LEU A 232 2.31 -5.52 -14.96
N ASN A 233 3.06 -4.43 -14.76
CA ASN A 233 4.40 -4.30 -15.32
C ASN A 233 5.25 -3.60 -14.26
N LYS A 234 5.85 -4.39 -13.38
CA LYS A 234 6.82 -3.96 -12.40
C LYS A 234 8.12 -4.68 -12.66
N PRO A 235 9.27 -4.08 -12.36
CA PRO A 235 9.43 -2.75 -11.76
C PRO A 235 9.71 -1.65 -12.78
N ASN A 236 9.72 -0.42 -12.30
CA ASN A 236 10.18 0.75 -13.06
C ASN A 236 9.40 0.95 -14.37
N ARG A 237 8.09 0.66 -14.36
CA ARG A 237 7.27 0.84 -15.56
C ARG A 237 5.89 1.31 -15.13
N GLN A 238 5.10 1.80 -16.08
CA GLN A 238 3.73 2.18 -15.77
C GLN A 238 2.81 1.59 -16.82
N THR A 239 1.56 1.36 -16.42
CA THR A 239 0.61 0.65 -17.27
C THR A 239 -0.69 1.42 -17.33
N LEU A 240 -1.20 1.62 -18.54
CA LEU A 240 -2.48 2.26 -18.78
C LEU A 240 -3.51 1.17 -19.06
N VAL A 241 -4.56 1.14 -18.25
CA VAL A 241 -5.67 0.22 -18.41
C VAL A 241 -6.86 1.05 -18.86
N SER A 242 -7.21 0.93 -20.13
CA SER A 242 -8.34 1.67 -20.65
C SER A 242 -9.65 0.96 -20.33
N HIS A 243 -10.74 1.71 -20.43
CA HIS A 243 -12.05 1.10 -20.20
C HIS A 243 -12.27 -0.07 -21.15
N GLY A 244 -11.87 0.10 -22.41
CA GLY A 244 -12.07 -0.95 -23.39
C GLY A 244 -11.24 -2.20 -23.15
N SER A 245 -10.13 -2.09 -22.42
CA SER A 245 -9.33 -3.27 -22.10
C SER A 245 -9.97 -4.16 -21.05
N VAL A 246 -11.00 -3.67 -20.35
CA VAL A 246 -11.51 -4.38 -19.18
C VAL A 246 -12.08 -5.76 -19.53
N PRO A 247 -12.94 -5.91 -20.55
CA PRO A 247 -13.51 -7.25 -20.78
C PRO A 247 -12.48 -8.35 -20.99
N GLN A 248 -11.45 -8.12 -21.81
CA GLN A 248 -10.43 -9.16 -21.98
C GLN A 248 -9.57 -9.33 -20.74
N LEU A 249 -9.15 -8.21 -20.12
CA LEU A 249 -8.36 -8.29 -18.89
C LEU A 249 -9.10 -9.08 -17.83
N PHE A 250 -10.38 -8.80 -17.64
CA PHE A 250 -11.13 -9.47 -16.59
C PHE A 250 -11.53 -10.88 -16.95
N SER A 251 -11.46 -11.26 -18.23
CA SER A 251 -11.96 -12.58 -18.62
C SER A 251 -11.14 -13.72 -18.02
N GLN A 252 -9.88 -13.47 -17.66
CA GLN A 252 -9.04 -14.46 -17.00
C GLN A 252 -8.42 -13.94 -15.72
N MET A 253 -9.01 -12.91 -15.11
CA MET A 253 -8.43 -12.32 -13.92
C MET A 253 -9.04 -12.96 -12.68
N PRO A 254 -8.27 -13.72 -11.90
CA PRO A 254 -8.80 -14.29 -10.66
C PRO A 254 -9.41 -13.19 -9.79
N ILE A 255 -10.56 -13.49 -9.22
CA ILE A 255 -11.26 -12.54 -8.35
C ILE A 255 -10.34 -12.00 -7.26
N ARG A 256 -9.46 -12.85 -6.70
CA ARG A 256 -8.68 -12.42 -5.55
C ARG A 256 -7.69 -11.33 -5.89
N LYS A 257 -7.45 -11.07 -7.18
CA LYS A 257 -6.47 -10.06 -7.56
C LYS A 257 -7.00 -8.64 -7.46
N ILE A 258 -8.31 -8.47 -7.36
CA ILE A 258 -8.90 -7.15 -7.26
C ILE A 258 -8.92 -6.70 -5.81
N ARG A 259 -8.50 -5.45 -5.59
CA ARG A 259 -8.38 -4.91 -4.25
C ARG A 259 -9.71 -5.00 -3.49
N SER A 260 -9.64 -5.61 -2.30
CA SER A 260 -10.73 -5.83 -1.33
C SER A 260 -11.33 -7.23 -1.49
N LEU A 261 -10.96 -7.94 -2.57
CA LEU A 261 -11.47 -9.27 -2.81
C LEU A 261 -10.41 -10.35 -2.57
N GLY A 262 -9.27 -9.99 -1.98
CA GLY A 262 -8.22 -10.94 -1.71
C GLY A 262 -8.43 -11.80 -0.48
N GLY A 263 -9.52 -11.57 0.26
CA GLY A 263 -9.74 -12.27 1.51
C GLY A 263 -11.03 -13.06 1.51
N LYS A 264 -11.74 -13.05 2.65
CA LYS A 264 -12.93 -13.89 2.81
C LYS A 264 -14.04 -13.53 1.83
N LEU A 265 -14.28 -12.24 1.56
CA LEU A 265 -15.37 -11.88 0.64
C LEU A 265 -15.13 -12.46 -0.75
N GLY A 266 -13.91 -12.28 -1.28
CA GLY A 266 -13.56 -12.89 -2.56
C GLY A 266 -13.76 -14.39 -2.56
N ALA A 267 -13.32 -15.05 -1.47
CA ALA A 267 -13.53 -16.48 -1.33
C ALA A 267 -15.01 -16.82 -1.39
N SER A 268 -15.85 -15.98 -0.76
CA SER A 268 -17.28 -16.30 -0.76
C SER A 268 -17.87 -16.04 -2.13
N VAL A 269 -17.37 -15.04 -2.86
CA VAL A 269 -17.87 -14.81 -4.22
C VAL A 269 -17.58 -16.04 -5.08
N ILE A 270 -16.35 -16.56 -4.97
CA ILE A 270 -15.95 -17.77 -5.70
C ILE A 270 -16.80 -18.96 -5.31
N GLU A 271 -16.99 -19.19 -4.00
CA GLU A 271 -17.70 -20.37 -3.52
C GLU A 271 -19.18 -20.31 -3.84
N ILE A 272 -19.83 -19.20 -3.52
CA ILE A 272 -21.28 -19.11 -3.65
C ILE A 272 -21.68 -19.08 -5.12
N LEU A 273 -20.92 -18.38 -5.95
CA LEU A 273 -21.32 -18.22 -7.34
C LEU A 273 -20.72 -19.28 -8.25
N GLY A 274 -19.71 -19.99 -7.78
CA GLY A 274 -19.09 -21.04 -8.57
C GLY A 274 -18.34 -20.48 -9.76
N ILE A 275 -17.63 -19.36 -9.57
CA ILE A 275 -16.86 -18.72 -10.63
C ILE A 275 -15.42 -18.57 -10.18
N GLU A 276 -14.55 -18.21 -11.12
CA GLU A 276 -13.13 -18.00 -10.84
C GLU A 276 -12.62 -16.61 -11.23
N TYR A 277 -13.18 -15.99 -12.26
CA TYR A 277 -12.62 -14.77 -12.83
C TYR A 277 -13.57 -13.59 -12.70
N MET A 278 -12.98 -12.39 -12.63
CA MET A 278 -13.77 -11.18 -12.38
C MET A 278 -14.84 -10.98 -13.46
N GLY A 279 -14.52 -11.31 -14.71
CA GLY A 279 -15.48 -11.08 -15.79
C GLY A 279 -16.75 -11.90 -15.65
N GLU A 280 -16.65 -13.07 -15.03
CA GLU A 280 -17.82 -13.92 -14.85
C GLU A 280 -18.88 -13.24 -13.99
N LEU A 281 -18.48 -12.21 -13.23
CA LEU A 281 -19.47 -11.53 -12.41
C LEU A 281 -20.52 -10.83 -13.27
N THR A 282 -20.20 -10.54 -14.54
CA THR A 282 -21.17 -9.78 -15.33
C THR A 282 -22.45 -10.57 -15.54
N GLN A 283 -22.41 -11.90 -15.36
CA GLN A 283 -23.61 -12.65 -15.69
C GLN A 283 -24.66 -12.65 -14.58
N PHE A 284 -24.46 -11.88 -13.52
CA PHE A 284 -25.42 -11.79 -12.42
C PHE A 284 -26.04 -10.40 -12.37
N THR A 285 -27.31 -10.35 -11.99
CA THR A 285 -27.94 -9.05 -11.78
C THR A 285 -27.43 -8.40 -10.51
N GLU A 286 -27.62 -7.09 -10.44
CA GLU A 286 -27.27 -6.34 -9.24
C GLU A 286 -27.99 -6.92 -8.03
N SER A 287 -29.29 -7.21 -8.16
CA SER A 287 -30.06 -7.71 -7.04
C SER A 287 -29.55 -9.07 -6.57
N GLN A 288 -29.12 -9.92 -7.51
CA GLN A 288 -28.56 -11.22 -7.13
C GLN A 288 -27.30 -11.05 -6.30
N LEU A 289 -26.40 -10.16 -6.76
CA LEU A 289 -25.15 -9.95 -6.03
C LEU A 289 -25.44 -9.36 -4.66
N GLN A 290 -26.38 -8.41 -4.59
CA GLN A 290 -26.78 -7.83 -3.30
C GLN A 290 -27.39 -8.88 -2.39
N SER A 291 -28.13 -9.84 -2.95
CA SER A 291 -28.72 -10.89 -2.14
C SER A 291 -27.63 -11.72 -1.48
N HIS A 292 -26.55 -11.99 -2.21
CA HIS A 292 -25.53 -12.83 -1.57
C HIS A 292 -24.54 -12.06 -0.70
N PHE A 293 -24.13 -10.86 -1.10
CA PHE A 293 -22.98 -10.19 -0.50
C PHE A 293 -23.36 -8.87 0.17
N GLY A 294 -24.64 -8.55 0.23
CA GLY A 294 -25.13 -7.34 0.85
C GLY A 294 -25.33 -6.25 -0.20
N GLU A 295 -26.15 -5.26 0.18
CA GLU A 295 -26.50 -4.17 -0.71
C GLU A 295 -25.27 -3.43 -1.21
N LYS A 296 -24.39 -3.01 -0.29
CA LYS A 296 -23.19 -2.24 -0.66
C LYS A 296 -22.24 -3.08 -1.50
N ASN A 297 -21.87 -4.27 -1.01
CA ASN A 297 -20.94 -5.11 -1.74
C ASN A 297 -21.54 -5.51 -3.08
N GLY A 298 -22.86 -5.77 -3.12
CA GLY A 298 -23.49 -6.19 -4.35
C GLY A 298 -23.43 -5.11 -5.42
N SER A 299 -23.76 -3.87 -5.03
CA SER A 299 -23.70 -2.76 -5.99
C SER A 299 -22.27 -2.53 -6.44
N TRP A 300 -21.32 -2.64 -5.51
CA TRP A 300 -19.93 -2.44 -5.85
C TRP A 300 -19.44 -3.48 -6.84
N LEU A 301 -19.74 -4.76 -6.57
CA LEU A 301 -19.33 -5.85 -7.46
C LEU A 301 -19.95 -5.71 -8.84
N TYR A 302 -21.24 -5.35 -8.90
CA TYR A 302 -21.94 -5.23 -10.17
C TYR A 302 -21.26 -4.19 -11.05
N ALA A 303 -20.92 -3.04 -10.47
CA ALA A 303 -20.22 -2.03 -11.26
C ALA A 303 -18.76 -2.42 -11.52
N MET A 304 -18.07 -2.98 -10.53
CA MET A 304 -16.63 -3.22 -10.66
C MET A 304 -16.31 -4.23 -11.75
N CYS A 305 -17.13 -5.28 -11.88
CA CYS A 305 -16.82 -6.29 -12.90
C CYS A 305 -16.97 -5.70 -14.30
N ARG A 306 -17.59 -4.53 -14.40
CA ARG A 306 -17.69 -3.80 -15.66
C ARG A 306 -16.64 -2.70 -15.74
N GLY A 307 -15.75 -2.62 -14.75
CA GLY A 307 -14.67 -1.65 -14.73
C GLY A 307 -15.06 -0.32 -14.14
N ILE A 308 -16.16 -0.26 -13.41
CA ILE A 308 -16.72 0.99 -12.91
C ILE A 308 -16.64 1.00 -11.39
N GLU A 309 -16.06 2.07 -10.85
CA GLU A 309 -15.92 2.24 -9.42
C GLU A 309 -15.92 3.73 -9.14
N HIS A 310 -16.52 4.15 -8.03
CA HIS A 310 -16.64 5.58 -7.77
C HIS A 310 -15.92 6.07 -6.52
N ASP A 311 -15.23 5.20 -5.80
CA ASP A 311 -14.54 5.62 -4.59
C ASP A 311 -13.61 6.79 -4.90
N PRO A 312 -13.75 7.93 -4.21
CA PRO A 312 -12.93 9.09 -4.55
C PRO A 312 -11.50 8.97 -4.04
N VAL A 313 -10.60 9.66 -4.75
CA VAL A 313 -9.25 9.91 -4.22
C VAL A 313 -9.40 10.92 -3.10
N LYS A 314 -9.22 10.48 -1.88
CA LYS A 314 -9.42 11.34 -0.72
C LYS A 314 -8.24 12.30 -0.56
N PRO A 315 -8.49 13.58 -0.29
CA PRO A 315 -7.39 14.51 -0.04
C PRO A 315 -6.75 14.29 1.32
N ARG A 316 -5.78 13.38 1.40
CA ARG A 316 -5.18 13.00 2.68
C ARG A 316 -3.77 12.50 2.41
N GLN A 317 -2.79 13.34 2.75
CA GLN A 317 -1.38 13.02 2.59
C GLN A 317 -0.76 12.44 3.86
N LEU A 318 -1.40 12.67 5.01
CA LEU A 318 -0.83 12.23 6.26
C LEU A 318 -1.61 11.05 6.84
N PRO A 319 -0.93 10.13 7.50
CA PRO A 319 -1.64 9.04 8.19
C PRO A 319 -2.59 9.59 9.25
N LYS A 320 -3.70 8.86 9.46
CA LYS A 320 -4.77 9.23 10.37
C LYS A 320 -4.55 8.74 11.79
N THR A 321 -3.57 7.87 11.99
CA THR A 321 -3.26 7.31 13.30
C THR A 321 -1.75 7.16 13.39
N ILE A 322 -1.24 7.12 14.61
CA ILE A 322 0.19 6.90 14.84
C ILE A 322 0.31 5.79 15.86
N GLY A 323 0.84 4.64 15.46
CA GLY A 323 0.86 3.49 16.34
C GLY A 323 2.22 2.83 16.46
N CYS A 324 2.41 2.16 17.61
N CYS A 324 2.40 2.15 17.60
CA CYS A 324 3.58 1.34 17.92
CA CYS A 324 3.57 1.33 17.85
C CYS A 324 3.09 0.02 18.48
C CYS A 324 3.09 0.02 18.47
N SER A 325 3.76 -1.08 18.11
CA SER A 325 3.30 -2.37 18.60
CA SER A 325 3.29 -2.39 18.53
C SER A 325 4.46 -3.35 18.60
N LYS A 326 4.35 -4.34 19.49
CA LYS A 326 5.36 -5.39 19.56
C LYS A 326 4.70 -6.71 19.92
N ASN A 327 5.07 -7.75 19.19
CA ASN A 327 4.70 -9.13 19.50
C ASN A 327 5.73 -9.75 20.44
N PHE A 328 5.25 -10.71 21.23
CA PHE A 328 6.07 -11.45 22.19
C PHE A 328 5.74 -12.92 21.99
N PRO A 329 6.33 -13.54 20.97
CA PRO A 329 5.92 -14.89 20.58
C PRO A 329 6.49 -15.97 21.47
N GLY A 330 5.84 -17.13 21.43
CA GLY A 330 6.25 -18.32 22.14
C GLY A 330 6.60 -18.11 23.60
N LYS A 331 7.84 -18.43 23.97
CA LYS A 331 8.25 -18.39 25.37
C LYS A 331 8.50 -16.98 25.88
N THR A 332 8.53 -15.98 25.00
CA THR A 332 8.81 -14.61 25.39
C THR A 332 7.57 -13.84 25.83
N ALA A 333 6.41 -14.49 25.82
CA ALA A 333 5.16 -13.84 26.22
C ALA A 333 5.31 -13.24 27.61
N LEU A 334 4.71 -12.07 27.80
CA LEU A 334 4.90 -11.33 29.04
C LEU A 334 4.05 -11.94 30.15
N ALA A 335 4.72 -12.39 31.21
CA ALA A 335 4.08 -13.17 32.26
C ALA A 335 4.17 -12.51 33.62
N THR A 336 4.81 -11.35 33.71
CA THR A 336 4.92 -10.59 34.96
C THR A 336 4.46 -9.16 34.71
N ARG A 337 3.89 -8.56 35.77
CA ARG A 337 3.41 -7.19 35.67
C ARG A 337 4.53 -6.24 35.27
N GLU A 338 5.72 -6.45 35.85
CA GLU A 338 6.88 -5.62 35.54
C GLU A 338 7.22 -5.66 34.06
N GLN A 339 7.18 -6.85 33.45
CA GLN A 339 7.44 -6.95 32.02
C GLN A 339 6.46 -6.10 31.22
N VAL A 340 5.17 -6.27 31.53
CA VAL A 340 4.12 -5.55 30.81
C VAL A 340 4.32 -4.05 30.93
N GLN A 341 4.63 -3.57 32.14
CA GLN A 341 4.81 -2.14 32.33
C GLN A 341 6.06 -1.62 31.63
N TRP A 342 7.16 -2.39 31.65
CA TRP A 342 8.39 -1.95 30.99
C TRP A 342 8.19 -1.82 29.49
N TRP A 343 7.52 -2.80 28.88
CA TRP A 343 7.31 -2.72 27.43
C TRP A 343 6.28 -1.67 27.09
N LEU A 344 5.29 -1.45 27.96
CA LEU A 344 4.36 -0.37 27.69
C LEU A 344 5.11 0.95 27.69
N LEU A 345 6.07 1.09 28.61
CA LEU A 345 6.91 2.30 28.63
C LEU A 345 7.72 2.44 27.34
N GLN A 346 8.36 1.36 26.87
CA GLN A 346 9.15 1.44 25.64
C GLN A 346 8.28 1.93 24.47
N LEU A 347 7.12 1.30 24.32
CA LEU A 347 6.17 1.68 23.27
C LEU A 347 5.74 3.13 23.43
N ALA A 348 5.43 3.53 24.66
CA ALA A 348 4.95 4.89 24.92
C ALA A 348 6.03 5.92 24.63
N GLN A 349 7.30 5.59 24.89
CA GLN A 349 8.38 6.52 24.57
C GLN A 349 8.54 6.71 23.07
N GLU A 350 8.46 5.63 22.29
CA GLU A 350 8.52 5.80 20.84
C GLU A 350 7.31 6.60 20.37
N LEU A 351 6.14 6.29 20.92
CA LEU A 351 4.93 6.98 20.53
C LEU A 351 5.04 8.47 20.85
N GLU A 352 5.56 8.81 22.03
CA GLU A 352 5.75 10.21 22.39
C GLU A 352 6.66 10.93 21.39
N GLU A 353 7.77 10.28 21.04
CA GLU A 353 8.72 10.91 20.10
C GLU A 353 8.05 11.19 18.77
N ARG A 354 7.30 10.20 18.27
CA ARG A 354 6.64 10.38 16.98
C ARG A 354 5.49 11.39 17.07
N LEU A 355 4.76 11.41 18.20
CA LEU A 355 3.67 12.37 18.34
C LEU A 355 4.19 13.80 18.39
N THR A 356 5.29 14.02 19.11
CA THR A 356 5.84 15.37 19.21
C THR A 356 6.32 15.84 17.85
N LYS A 357 7.01 14.97 17.11
CA LYS A 357 7.41 15.34 15.75
C LYS A 357 6.18 15.64 14.90
N ASP A 358 5.14 14.81 15.00
CA ASP A 358 3.94 15.02 14.20
C ASP A 358 3.28 16.34 14.53
N ARG A 359 3.21 16.68 15.82
CA ARG A 359 2.60 17.94 16.25
C ARG A 359 3.36 19.14 15.71
N ASN A 360 4.69 19.08 15.74
CA ASN A 360 5.47 20.21 15.21
C ASN A 360 5.34 20.34 13.69
N ASP A 361 5.37 19.21 12.97
CA ASP A 361 5.32 19.26 11.51
C ASP A 361 3.93 19.58 10.96
N ASN A 362 2.89 19.05 11.56
CA ASN A 362 1.59 19.01 10.91
C ASN A 362 0.50 19.77 11.66
N ASP A 363 0.83 20.46 12.74
CA ASP A 363 -0.12 21.35 13.44
C ASP A 363 -1.38 20.60 13.85
N ARG A 364 -1.19 19.48 14.54
CA ARG A 364 -2.33 18.71 15.03
C ARG A 364 -1.91 17.96 16.28
N VAL A 365 -2.92 17.54 17.05
CA VAL A 365 -2.69 16.79 18.28
C VAL A 365 -3.67 15.63 18.36
N ALA A 366 -3.15 14.47 18.74
CA ALA A 366 -4.00 13.31 18.94
C ALA A 366 -4.73 13.48 20.27
N THR A 367 -5.96 12.99 20.32
CA THR A 367 -6.75 13.15 21.52
C THR A 367 -7.21 11.84 22.15
N GLN A 368 -6.96 10.71 21.49
CA GLN A 368 -7.39 9.42 22.02
C GLN A 368 -6.24 8.44 21.93
N LEU A 369 -6.06 7.65 22.98
CA LEU A 369 -5.07 6.59 23.03
C LEU A 369 -5.80 5.26 23.00
N VAL A 370 -5.45 4.41 22.04
CA VAL A 370 -6.05 3.08 21.94
C VAL A 370 -5.01 2.07 22.40
N VAL A 371 -5.40 1.20 23.32
CA VAL A 371 -4.54 0.16 23.86
C VAL A 371 -5.12 -1.17 23.42
N SER A 372 -4.29 -2.00 22.82
CA SER A 372 -4.74 -3.30 22.37
C SER A 372 -3.74 -4.35 22.80
N ILE A 373 -4.24 -5.51 23.22
CA ILE A 373 -3.39 -6.62 23.62
C ILE A 373 -3.90 -7.92 23.01
N ARG A 374 -3.00 -8.89 22.95
CA ARG A 374 -3.35 -10.26 22.60
C ARG A 374 -2.84 -11.15 23.72
N VAL A 375 -3.65 -12.15 24.10
CA VAL A 375 -3.31 -13.08 25.16
C VAL A 375 -2.97 -14.43 24.54
N GLN A 376 -2.01 -15.13 25.14
CA GLN A 376 -1.58 -16.40 24.57
C GLN A 376 -2.77 -17.36 24.52
N GLY A 377 -3.06 -17.86 23.32
CA GLY A 377 -4.17 -18.79 23.14
C GLY A 377 -5.34 -18.23 22.35
N ASP A 378 -5.18 -17.07 21.72
CA ASP A 378 -6.24 -16.40 20.96
C ASP A 378 -5.88 -16.37 19.47
N LYS A 379 -6.82 -16.83 18.63
CA LYS A 379 -6.59 -16.86 17.19
C LYS A 379 -6.60 -15.47 16.57
N ARG A 380 -7.34 -14.54 17.16
CA ARG A 380 -7.45 -13.18 16.67
C ARG A 380 -6.14 -12.41 16.86
N LEU A 381 -5.88 -11.50 15.92
CA LEU A 381 -4.69 -10.67 16.00
C LEU A 381 -4.73 -9.85 17.30
N SER A 382 -5.86 -9.21 17.56
CA SER A 382 -6.11 -8.49 18.79
C SER A 382 -7.12 -9.23 19.65
N SER A 383 -6.82 -9.33 20.94
CA SER A 383 -7.70 -9.98 21.90
C SER A 383 -8.57 -8.98 22.63
N LEU A 384 -8.06 -7.76 22.82
CA LEU A 384 -8.77 -6.76 23.60
C LEU A 384 -8.32 -5.36 23.17
N ARG A 385 -9.28 -4.44 23.17
CA ARG A 385 -9.07 -3.05 22.79
C ARG A 385 -9.85 -2.12 23.71
N ARG A 386 -9.14 -1.17 24.29
CA ARG A 386 -9.73 -0.21 25.20
C ARG A 386 -9.18 1.16 24.81
N CYS A 387 -9.98 2.21 25.00
CA CYS A 387 -9.48 3.55 24.73
C CYS A 387 -9.40 4.36 26.03
N CYS A 388 -8.51 5.34 26.04
CA CYS A 388 -8.54 6.36 27.08
C CYS A 388 -8.18 7.71 26.49
N ALA A 389 -8.34 8.75 27.30
CA ALA A 389 -8.01 10.10 26.86
C ALA A 389 -6.51 10.25 26.66
N LEU A 390 -6.13 10.95 25.61
CA LEU A 390 -4.74 11.32 25.37
C LEU A 390 -4.65 12.83 25.53
N THR A 391 -4.21 13.28 26.70
CA THR A 391 -4.23 14.70 27.04
C THR A 391 -2.86 15.33 27.07
N ARG A 392 -1.80 14.54 27.22
N ARG A 392 -1.79 14.54 27.23
CA ARG A 392 -0.45 15.06 27.24
CA ARG A 392 -0.44 15.05 27.27
C ARG A 392 0.48 14.09 26.53
C ARG A 392 0.48 14.10 26.53
N TYR A 393 1.34 14.65 25.69
CA TYR A 393 2.38 13.88 25.01
C TYR A 393 3.45 13.56 26.06
N ASP A 394 3.15 12.58 26.91
CA ASP A 394 4.07 12.19 27.97
C ASP A 394 4.08 10.67 28.06
N ALA A 395 5.24 10.08 27.83
CA ALA A 395 5.34 8.62 27.75
C ALA A 395 4.97 7.94 29.07
N HIS A 396 5.37 8.52 30.19
CA HIS A 396 5.06 7.88 31.47
C HIS A 396 3.56 7.91 31.73
N LYS A 397 2.91 9.03 31.45
CA LYS A 397 1.46 9.11 31.62
C LYS A 397 0.73 8.15 30.68
N MET A 398 1.12 8.13 29.40
CA MET A 398 0.46 7.24 28.45
C MET A 398 0.63 5.78 28.83
N SER A 399 1.84 5.39 29.26
CA SER A 399 2.08 4.01 29.65
C SER A 399 1.30 3.66 30.92
N HIS A 400 1.21 4.60 31.86
CA HIS A 400 0.41 4.36 33.05
C HIS A 400 -1.06 4.21 32.70
N ASP A 401 -1.58 5.08 31.82
CA ASP A 401 -2.98 5.02 31.42
C ASP A 401 -3.29 3.72 30.68
N ALA A 402 -2.34 3.23 29.86
CA ALA A 402 -2.57 1.98 29.16
C ALA A 402 -2.64 0.84 30.16
N PHE A 403 -1.73 0.87 31.15
CA PHE A 403 -1.77 -0.16 32.17
C PHE A 403 -3.08 -0.09 32.93
N THR A 404 -3.56 1.11 33.23
CA THR A 404 -4.79 1.23 33.99
C THR A 404 -5.95 0.61 33.21
N VAL A 405 -5.99 0.81 31.90
CA VAL A 405 -7.14 0.32 31.15
C VAL A 405 -7.03 -1.18 30.85
N ILE A 406 -5.85 -1.79 31.00
CA ILE A 406 -5.74 -3.23 30.77
C ILE A 406 -5.50 -4.06 32.03
N LYS A 407 -5.16 -3.46 33.16
CA LYS A 407 -4.78 -4.23 34.35
C LYS A 407 -5.84 -5.24 34.77
N ASN A 408 -7.12 -4.94 34.57
CA ASN A 408 -8.16 -5.88 34.96
C ASN A 408 -8.20 -7.12 34.07
N CYS A 409 -7.36 -7.21 33.04
CA CYS A 409 -7.32 -8.40 32.20
C CYS A 409 -6.50 -9.51 32.82
N ASN A 410 -5.76 -9.19 33.88
CA ASN A 410 -4.89 -10.17 34.53
C ASN A 410 -5.72 -11.10 35.41
N THR A 411 -5.90 -12.34 34.96
CA THR A 411 -6.67 -13.31 35.73
C THR A 411 -5.95 -13.68 37.02
N SER A 412 -4.63 -13.84 36.94
CA SER A 412 -3.77 -14.27 38.04
C SER A 412 -4.13 -13.66 39.40
N GLY A 413 -4.24 -14.54 40.39
CA GLY A 413 -4.45 -14.21 41.79
C GLY A 413 -3.23 -13.58 42.45
N ILE A 414 -2.06 -13.83 41.89
CA ILE A 414 -0.78 -13.29 42.36
C ILE A 414 -0.55 -11.89 41.78
N GLN A 415 -0.36 -10.91 42.68
CA GLN A 415 -0.16 -9.52 42.29
C GLN A 415 1.02 -9.35 41.33
N THR A 416 2.11 -10.07 41.54
CA THR A 416 3.32 -9.93 40.75
C THR A 416 3.23 -10.58 39.37
N GLU A 417 2.38 -11.58 39.21
CA GLU A 417 2.26 -12.33 37.97
C GLU A 417 1.12 -11.91 37.08
N TRP A 418 1.35 -12.04 35.77
CA TRP A 418 0.38 -11.73 34.74
C TRP A 418 -0.02 -13.00 34.01
N SER A 419 -1.32 -13.30 34.01
CA SER A 419 -1.83 -14.45 33.30
C SER A 419 -3.20 -14.11 32.73
N PRO A 420 -3.53 -14.62 31.52
CA PRO A 420 -2.57 -15.38 30.71
C PRO A 420 -1.51 -14.47 30.10
N PRO A 421 -0.31 -14.99 29.86
CA PRO A 421 0.77 -14.12 29.35
C PRO A 421 0.35 -13.36 28.11
N LEU A 422 0.95 -12.18 27.94
CA LEU A 422 0.63 -11.31 26.81
C LEU A 422 1.57 -11.58 25.64
N THR A 423 0.99 -11.80 24.47
CA THR A 423 1.76 -12.07 23.26
C THR A 423 1.82 -10.86 22.33
N MET A 424 1.19 -9.75 22.69
N MET A 424 1.18 -9.75 22.69
CA MET A 424 1.19 -8.56 21.86
CA MET A 424 1.19 -8.56 21.85
C MET A 424 0.78 -7.36 22.69
C MET A 424 0.76 -7.35 22.66
N LEU A 425 1.46 -6.24 22.46
CA LEU A 425 1.05 -4.93 22.98
C LEU A 425 0.99 -3.96 21.81
N PHE A 426 0.04 -3.04 21.89
CA PHE A 426 -0.23 -2.09 20.80
C PHE A 426 -0.75 -0.80 21.41
N LEU A 427 -0.08 0.32 21.09
CA LEU A 427 -0.52 1.66 21.47
C LEU A 427 -0.77 2.45 20.21
N CYS A 428 -1.92 3.11 20.11
CA CYS A 428 -2.20 3.90 18.91
C CYS A 428 -2.87 5.22 19.27
N ALA A 429 -2.27 6.32 18.79
CA ALA A 429 -2.81 7.65 18.99
C ALA A 429 -3.74 7.93 17.80
N THR A 430 -4.96 8.37 18.11
CA THR A 430 -6.01 8.57 17.11
C THR A 430 -6.79 9.85 17.43
N LYS A 431 -7.74 10.18 16.54
CA LYS A 431 -8.65 11.32 16.73
C LYS A 431 -7.90 12.64 16.85
N PHE A 432 -7.24 13.01 15.77
CA PHE A 432 -6.46 14.24 15.72
C PHE A 432 -7.36 15.45 15.62
N SER A 433 -6.96 16.53 16.29
CA SER A 433 -7.60 17.83 16.17
C SER A 433 -6.55 18.86 15.79
N ALA A 434 -6.99 19.91 15.10
CA ALA A 434 -6.07 20.97 14.70
C ALA A 434 -5.47 21.67 15.91
N SER A 435 -4.20 22.06 15.79
CA SER A 435 -3.52 22.81 16.85
C SER A 435 -2.67 23.91 16.25
MG MG D . 2.71 -0.78 -2.01
CA CA E . 5.92 -1.25 -3.33
MG MG F . 5.93 -1.26 -3.33
C1 GOL G . -15.79 -12.35 -19.86
O1 GOL G . -16.10 -12.93 -18.60
C2 GOL G . -15.59 -10.86 -19.74
O2 GOL G . -14.53 -10.55 -18.86
C3 GOL G . -16.83 -10.10 -19.34
O3 GOL G . -16.73 -8.73 -19.68
C1 GOL H . 14.99 11.46 4.86
O1 GOL H . 13.81 10.86 4.36
C2 GOL H . 14.92 12.96 4.76
O2 GOL H . 14.06 13.47 5.78
C3 GOL H . 16.28 13.63 4.80
O3 GOL H . 16.24 14.94 4.25
C1 GOL I . 29.61 3.38 4.63
O1 GOL I . 29.07 3.25 5.91
C2 GOL I . 29.00 2.25 3.75
O2 GOL I . 27.60 2.16 3.83
C3 GOL I . 29.49 2.60 2.31
O3 GOL I . 28.75 1.81 1.40
PG DTP J . 7.14 -4.02 -4.78
O1G DTP J . 6.58 -5.35 -5.20
O2G DTP J . 8.20 -3.66 -5.77
O3G DTP J . 6.09 -2.95 -4.67
PB DTP J . 7.50 -3.48 -1.99
O1B DTP J . 7.56 -1.98 -2.10
O2B DTP J . 8.59 -3.93 -1.06
O3B DTP J . 7.80 -4.16 -3.38
PA DTP J . 4.88 -3.24 -0.82
O1A DTP J . 3.79 -4.27 -0.66
O2A DTP J . 4.38 -2.10 -1.64
O3A DTP J . 6.09 -3.95 -1.52
O5' DTP J . 5.37 -2.71 0.58
C5' DTP J . 5.96 -1.46 0.74
C4' DTP J . 6.91 -1.50 1.92
O4' DTP J . 6.18 -1.75 3.14
C3' DTP J . 7.90 -2.64 1.73
O3' DTP J . 9.11 -2.15 1.18
C2' DTP J . 8.13 -3.12 3.15
C1' DTP J . 6.86 -2.81 3.84
N9 DTP J . 5.96 -3.98 3.96
C8 DTP J . 5.20 -4.50 2.99
N7 DTP J . 4.51 -5.54 3.42
C5 DTP J . 4.84 -5.72 4.73
C6 DTP J . 4.45 -6.64 5.68
N6 DTP J . 3.56 -7.60 5.39
N1 DTP J . 4.96 -6.54 6.88
C2 DTP J . 5.84 -5.57 7.15
N3 DTP J . 6.26 -4.68 6.31
C4 DTP J . 5.76 -4.73 5.07
P1 DPO K . 7.59 -3.58 -1.97
O1 DPO K . 7.46 -2.09 -2.09
O2 DPO K . 6.29 -4.21 -1.66
O3 DPO K . 8.73 -4.02 -1.12
O4 DPO K . 7.91 -4.16 -3.42
P2 DPO K . 7.17 -4.01 -4.83
O5 DPO K . 6.07 -3.04 -4.65
O6 DPO K . 6.55 -5.34 -5.10
O7 DPO K . 8.26 -3.68 -5.79
MG MG L . 4.73 -5.72 -2.10
#